data_3H00
#
_entry.id   3H00
#
_cell.length_a   120.764
_cell.length_b   47.499
_cell.length_c   74.824
_cell.angle_alpha   90.00
_cell.angle_beta   128.32
_cell.angle_gamma   90.00
#
_symmetry.space_group_name_H-M   'C 1 2 1'
#
loop_
_entity.id
_entity.type
_entity.pdbx_description
1 polymer 'Envelope glycoprotein gp160'
2 water water
#
_entity_poly.entity_id   1
_entity_poly.type   'polypeptide(L)'
_entity_poly.pdbx_seq_one_letter_code
;NNYTSLIHSLIEESQNQQEKNEQELLELDKWASLWNWFN
;
_entity_poly.pdbx_strand_id   A,B,C,D
#
# COMPACT_ATOMS: atom_id res chain seq x y z
N ASN A 1 -23.86 -2.75 -8.71
CA ASN A 1 -22.52 -2.00 -8.47
C ASN A 1 -21.31 -2.52 -9.17
N ASN A 2 -21.28 -3.81 -9.45
CA ASN A 2 -20.05 -4.35 -10.01
C ASN A 2 -19.27 -3.56 -11.09
N TYR A 3 -19.86 -2.54 -11.73
CA TYR A 3 -19.04 -1.65 -12.59
C TYR A 3 -17.87 -1.02 -11.80
N THR A 4 -18.10 -0.80 -10.47
CA THR A 4 -17.17 -0.14 -9.54
C THR A 4 -15.91 -0.95 -9.35
N SER A 5 -16.03 -2.22 -8.91
CA SER A 5 -14.84 -3.07 -8.82
C SER A 5 -14.21 -3.25 -10.17
N LEU A 6 -14.99 -3.29 -11.22
CA LEU A 6 -14.37 -3.41 -12.52
C LEU A 6 -13.58 -2.14 -12.78
N ILE A 7 -14.04 -0.98 -12.29
CA ILE A 7 -13.36 0.25 -12.66
C ILE A 7 -12.03 0.29 -11.94
N HIS A 8 -12.11 -0.02 -10.65
CA HIS A 8 -10.96 -0.30 -9.81
C HIS A 8 -9.98 -1.39 -10.26
N SER A 9 -10.46 -2.56 -10.68
CA SER A 9 -9.55 -3.50 -11.29
C SER A 9 -8.83 -2.81 -12.45
N LEU A 10 -9.51 -2.13 -13.35
CA LEU A 10 -8.71 -1.37 -14.38
C LEU A 10 -7.82 -0.23 -13.90
N ILE A 11 -8.16 0.47 -12.83
CA ILE A 11 -7.30 1.54 -12.25
C ILE A 11 -6.05 0.87 -11.65
N GLU A 12 -6.24 -0.14 -10.82
CA GLU A 12 -5.05 -0.89 -10.37
C GLU A 12 -4.16 -1.42 -11.49
N GLU A 13 -4.66 -2.22 -12.43
CA GLU A 13 -3.84 -2.71 -13.58
C GLU A 13 -3.19 -1.52 -14.31
N SER A 14 -3.83 -0.35 -14.33
CA SER A 14 -3.17 0.74 -15.04
C SER A 14 -2.00 1.37 -14.24
N GLN A 15 -2.07 1.21 -12.93
CA GLN A 15 -1.00 1.61 -12.08
C GLN A 15 0.19 0.68 -12.22
N ASN A 16 -0.01 -0.61 -12.01
CA ASN A 16 1.09 -1.56 -12.01
C ASN A 16 1.81 -1.35 -13.30
N GLN A 17 1.06 -1.27 -14.41
CA GLN A 17 1.60 -1.12 -15.74
C GLN A 17 2.44 0.14 -15.89
N GLN A 18 1.98 1.24 -15.30
CA GLN A 18 2.60 2.46 -15.55
C GLN A 18 3.95 2.38 -14.78
N GLU A 19 4.00 1.56 -13.75
CA GLU A 19 5.15 1.52 -12.91
C GLU A 19 6.28 0.66 -13.55
N LYS A 20 5.86 -0.36 -14.26
CA LYS A 20 6.75 -1.19 -15.02
C LYS A 20 7.36 -0.38 -16.18
N ASN A 21 6.58 0.51 -16.76
CA ASN A 21 7.07 1.19 -17.94
C ASN A 21 8.05 2.26 -17.45
N GLU A 22 7.82 2.87 -16.29
CA GLU A 22 8.67 3.80 -15.71
C GLU A 22 10.04 3.16 -15.32
N GLN A 23 10.00 1.99 -14.66
CA GLN A 23 11.17 1.16 -14.45
C GLN A 23 11.92 0.83 -15.73
N GLU A 24 11.28 0.46 -16.80
CA GLU A 24 12.14 0.26 -17.96
C GLU A 24 12.69 1.65 -18.51
N LEU A 25 12.01 2.75 -18.19
CA LEU A 25 12.55 4.04 -18.64
C LEU A 25 13.77 4.48 -17.76
N LEU A 26 13.64 4.23 -16.47
CA LEU A 26 14.78 4.34 -15.47
C LEU A 26 16.04 3.55 -15.82
N GLU A 27 15.88 2.30 -16.24
CA GLU A 27 16.97 1.52 -16.78
C GLU A 27 17.60 2.15 -18.03
N LEU A 28 16.82 2.72 -18.97
CA LEU A 28 17.39 3.57 -20.07
C LEU A 28 18.05 4.86 -19.58
N ASP A 29 17.57 5.43 -18.49
CA ASP A 29 18.21 6.58 -17.96
C ASP A 29 19.63 6.29 -17.35
N LYS A 30 19.77 5.13 -16.72
CA LYS A 30 21.02 4.56 -16.31
C LYS A 30 21.99 4.42 -17.44
N TRP A 31 21.63 3.74 -18.50
CA TRP A 31 22.57 3.67 -19.65
C TRP A 31 22.95 4.93 -20.39
N ALA A 32 22.06 5.91 -20.43
CA ALA A 32 22.43 7.20 -21.01
C ALA A 32 23.39 7.98 -20.06
N SER A 33 23.14 7.93 -18.73
CA SER A 33 24.05 8.51 -17.72
C SER A 33 25.49 7.86 -17.72
N LEU A 34 25.56 6.55 -17.85
CA LEU A 34 26.82 5.82 -18.03
C LEU A 34 27.51 6.30 -19.35
N TRP A 35 26.70 6.45 -20.40
CA TRP A 35 27.19 6.83 -21.75
C TRP A 35 27.87 8.15 -21.59
N ASN A 36 27.14 9.07 -20.93
CA ASN A 36 27.61 10.41 -20.67
C ASN A 36 28.93 10.57 -19.89
N TRP A 37 29.04 9.83 -18.76
CA TRP A 37 30.07 9.94 -17.70
C TRP A 37 31.49 9.42 -18.10
N PHE A 38 31.54 8.37 -18.91
CA PHE A 38 32.71 8.10 -19.74
C PHE A 38 33.51 9.28 -20.43
N ASN A 39 32.84 9.94 -21.35
CA ASN A 39 33.43 10.37 -22.67
C ASN A 39 34.06 11.80 -22.78
N ASN B 1 3.21 21.27 15.45
CA ASN B 1 2.61 19.86 15.26
C ASN B 1 3.42 18.79 14.59
N ASN B 2 4.72 18.78 14.86
CA ASN B 2 5.50 17.56 14.60
C ASN B 2 5.09 16.39 15.50
N TYR B 3 4.40 16.67 16.60
CA TYR B 3 4.09 15.55 17.41
C TYR B 3 3.15 14.61 16.64
N THR B 4 2.40 15.16 15.66
CA THR B 4 1.38 14.43 14.95
C THR B 4 2.05 13.55 13.99
N SER B 5 3.14 14.00 13.36
CA SER B 5 3.89 13.05 12.55
C SER B 5 4.78 12.04 13.37
N LEU B 6 5.09 12.38 14.62
CA LEU B 6 5.83 11.42 15.45
C LEU B 6 4.81 10.35 15.86
N ILE B 7 3.57 10.78 16.13
CA ILE B 7 2.53 9.87 16.42
C ILE B 7 2.23 8.89 15.31
N HIS B 8 2.24 9.38 14.08
CA HIS B 8 1.98 8.51 12.96
C HIS B 8 3.17 7.61 12.64
N SER B 9 4.40 8.06 12.91
CA SER B 9 5.59 7.21 12.84
C SER B 9 5.59 6.08 13.93
N LEU B 10 5.11 6.36 15.16
CA LEU B 10 4.90 5.20 16.09
C LEU B 10 3.81 4.19 15.68
N ILE B 11 2.73 4.66 15.07
CA ILE B 11 1.62 3.84 14.66
C ILE B 11 2.15 2.91 13.55
N GLU B 12 2.94 3.43 12.61
CA GLU B 12 3.56 2.62 11.54
C GLU B 12 4.53 1.55 12.04
N GLU B 13 5.39 1.93 12.97
CA GLU B 13 6.32 0.96 13.52
C GLU B 13 5.54 -0.15 14.22
N SER B 14 4.58 0.19 15.09
CA SER B 14 3.91 -0.93 15.78
C SER B 14 2.99 -1.79 14.82
N GLN B 15 2.45 -1.21 13.76
CA GLN B 15 1.64 -1.97 12.81
C GLN B 15 2.63 -2.89 12.02
N ASN B 16 3.90 -2.49 11.92
CA ASN B 16 4.97 -3.28 11.32
C ASN B 16 5.51 -4.38 12.26
N GLN B 17 5.66 -4.04 13.52
CA GLN B 17 6.07 -5.01 14.48
C GLN B 17 5.03 -6.14 14.59
N GLN B 18 3.77 -5.69 14.69
CA GLN B 18 2.65 -6.53 14.80
C GLN B 18 2.66 -7.59 13.65
N GLU B 19 2.73 -7.13 12.41
CA GLU B 19 2.80 -8.00 11.26
C GLU B 19 3.96 -9.02 11.36
N LYS B 20 5.08 -8.64 11.97
CA LYS B 20 6.20 -9.54 12.11
C LYS B 20 5.87 -10.66 13.12
N ASN B 21 5.24 -10.23 14.22
CA ASN B 21 4.71 -11.12 15.24
C ASN B 21 3.61 -12.12 14.75
N GLU B 22 2.65 -11.64 13.97
CA GLU B 22 1.64 -12.48 13.39
C GLU B 22 2.32 -13.49 12.41
N GLN B 23 3.37 -13.07 11.67
CA GLN B 23 4.17 -14.01 10.85
C GLN B 23 4.90 -15.10 11.64
N GLU B 24 5.58 -14.72 12.71
CA GLU B 24 6.11 -15.73 13.63
C GLU B 24 5.00 -16.77 14.04
N LEU B 25 3.85 -16.29 14.50
CA LEU B 25 2.69 -17.10 14.90
C LEU B 25 2.09 -18.01 13.80
N LEU B 26 1.99 -17.47 12.59
CA LEU B 26 1.58 -18.22 11.42
C LEU B 26 2.58 -19.36 11.08
N GLU B 27 3.86 -19.10 11.36
CA GLU B 27 4.89 -20.12 11.44
C GLU B 27 4.68 -21.27 12.51
N LEU B 28 4.69 -20.95 13.82
CA LEU B 28 4.09 -21.84 14.87
C LEU B 28 2.96 -22.69 14.37
N ASP B 29 1.94 -22.07 13.75
CA ASP B 29 0.71 -22.78 13.36
C ASP B 29 0.90 -23.84 12.34
N LYS B 30 1.74 -23.51 11.35
CA LYS B 30 2.12 -24.44 10.32
C LYS B 30 2.64 -25.73 10.92
N TRP B 31 3.62 -25.58 11.83
CA TRP B 31 4.21 -26.76 12.51
C TRP B 31 3.17 -27.50 13.37
N ALA B 32 2.18 -26.78 13.91
CA ALA B 32 0.97 -27.35 14.62
C ALA B 32 0.07 -28.14 13.67
N SER B 33 -0.07 -27.65 12.45
CA SER B 33 -0.82 -28.46 11.55
C SER B 33 0.07 -29.72 11.17
N LEU B 34 1.36 -29.56 10.94
CA LEU B 34 2.17 -30.75 10.59
C LEU B 34 2.38 -31.73 11.78
N TRP B 35 2.37 -31.18 12.99
CA TRP B 35 2.43 -32.00 14.16
C TRP B 35 1.16 -32.86 14.24
N ASN B 36 0.01 -32.19 14.10
CA ASN B 36 -1.26 -32.89 14.03
C ASN B 36 -1.31 -33.90 12.87
N TRP B 37 -0.72 -33.58 11.76
CA TRP B 37 -0.80 -34.49 10.66
C TRP B 37 0.25 -35.66 10.59
N PHE B 38 1.44 -35.70 11.29
CA PHE B 38 2.20 -37.02 11.31
C PHE B 38 1.17 -38.24 11.31
N ASN C 1 23.33 12.69 -27.14
CA ASN C 1 23.33 11.87 -25.86
C ASN C 1 22.33 12.49 -24.91
N ASN C 2 21.66 13.48 -25.51
CA ASN C 2 20.52 14.26 -25.06
C ASN C 2 19.41 13.35 -24.53
N TYR C 3 19.77 12.07 -24.52
CA TYR C 3 18.90 11.01 -24.12
C TYR C 3 18.42 11.30 -22.76
N THR C 4 19.21 11.93 -21.90
CA THR C 4 18.76 12.13 -20.55
C THR C 4 17.50 13.05 -20.40
N SER C 5 17.54 14.17 -21.13
CA SER C 5 16.43 15.10 -21.23
C SER C 5 15.18 14.47 -21.88
N LEU C 6 15.37 13.67 -22.92
CA LEU C 6 14.31 13.03 -23.64
C LEU C 6 13.67 11.89 -22.82
N ILE C 7 14.51 11.03 -22.22
CA ILE C 7 14.02 9.99 -21.34
C ILE C 7 13.13 10.58 -20.20
N HIS C 8 13.53 11.65 -19.59
CA HIS C 8 12.76 12.33 -18.58
C HIS C 8 11.36 12.83 -19.10
N SER C 9 11.36 13.23 -20.38
CA SER C 9 10.14 13.67 -21.12
C SER C 9 9.23 12.49 -21.34
N LEU C 10 9.79 11.38 -21.76
CA LEU C 10 9.02 10.14 -21.78
C LEU C 10 8.47 9.72 -20.43
N ILE C 11 9.18 10.02 -19.37
CA ILE C 11 8.70 9.58 -18.07
C ILE C 11 7.46 10.41 -17.75
N GLU C 12 7.52 11.69 -18.00
CA GLU C 12 6.44 12.57 -17.75
C GLU C 12 5.26 12.21 -18.67
N GLU C 13 5.51 11.83 -19.94
CA GLU C 13 4.44 11.58 -20.84
C GLU C 13 3.72 10.38 -20.20
N SER C 14 4.46 9.32 -19.86
CA SER C 14 3.91 8.12 -19.26
C SER C 14 3.02 8.43 -18.04
N GLN C 15 3.48 9.32 -17.20
CA GLN C 15 2.65 9.67 -16.08
C GLN C 15 1.40 10.50 -16.53
N ASN C 16 1.53 11.47 -17.44
CA ASN C 16 0.31 12.25 -17.89
C ASN C 16 -0.80 11.29 -18.44
N GLN C 17 -0.41 10.28 -19.21
CA GLN C 17 -1.37 9.30 -19.77
C GLN C 17 -2.00 8.42 -18.73
N GLN C 18 -1.25 7.85 -17.78
CA GLN C 18 -1.90 7.14 -16.69
C GLN C 18 -2.88 8.02 -15.93
N GLU C 19 -2.49 9.25 -15.55
CA GLU C 19 -3.29 10.10 -14.71
C GLU C 19 -4.64 10.54 -15.38
N LYS C 20 -4.63 10.68 -16.72
CA LYS C 20 -5.79 11.09 -17.45
C LYS C 20 -6.62 9.81 -17.60
N ASN C 21 -6.00 8.65 -17.90
CA ASN C 21 -6.81 7.45 -18.03
C ASN C 21 -7.50 7.19 -16.73
N GLU C 22 -6.81 7.24 -15.64
CA GLU C 22 -7.48 7.04 -14.41
C GLU C 22 -8.55 8.09 -14.09
N GLN C 23 -8.30 9.35 -14.45
CA GLN C 23 -9.23 10.41 -14.11
C GLN C 23 -10.64 10.08 -14.65
N GLU C 24 -10.62 9.88 -15.96
CA GLU C 24 -11.66 9.46 -16.84
C GLU C 24 -12.32 8.15 -16.38
N LEU C 25 -11.57 7.15 -16.01
CA LEU C 25 -12.26 6.05 -15.34
C LEU C 25 -13.08 6.42 -14.11
N LEU C 26 -12.54 7.18 -13.16
CA LEU C 26 -13.38 7.63 -12.02
C LEU C 26 -14.60 8.56 -12.38
N GLU C 27 -14.50 9.27 -13.52
CA GLU C 27 -15.64 10.02 -14.09
C GLU C 27 -16.85 9.06 -14.38
N LEU C 28 -16.62 8.08 -15.25
CA LEU C 28 -17.47 6.93 -15.37
C LEU C 28 -18.07 6.37 -14.05
N ASP C 29 -17.30 6.16 -13.00
CA ASP C 29 -17.80 5.50 -11.79
C ASP C 29 -18.86 6.33 -11.00
N LYS C 30 -18.57 7.63 -10.93
CA LYS C 30 -19.43 8.63 -10.33
C LYS C 30 -20.78 8.58 -11.04
N TRP C 31 -20.75 8.68 -12.37
CA TRP C 31 -21.91 8.64 -13.27
C TRP C 31 -22.71 7.29 -13.19
N ALA C 32 -22.06 6.19 -13.49
CA ALA C 32 -22.65 4.86 -13.22
C ALA C 32 -23.27 4.79 -11.80
N SER C 33 -22.60 5.30 -10.77
CA SER C 33 -23.22 5.25 -9.42
C SER C 33 -24.49 6.09 -9.25
N LEU C 34 -24.56 7.23 -9.97
CA LEU C 34 -25.67 8.15 -9.83
C LEU C 34 -26.82 7.56 -10.59
N TRP C 35 -26.49 7.10 -11.80
CA TRP C 35 -27.33 6.22 -12.59
C TRP C 35 -27.97 4.99 -11.87
N ASN C 36 -27.18 4.24 -11.09
CA ASN C 36 -27.72 3.09 -10.32
C ASN C 36 -28.59 3.56 -9.14
N TRP C 37 -28.41 4.79 -8.68
CA TRP C 37 -29.29 5.35 -7.61
C TRP C 37 -30.79 5.29 -8.01
N PHE C 38 -31.03 5.33 -9.33
CA PHE C 38 -32.42 5.28 -9.94
C PHE C 38 -32.86 3.86 -10.44
N ASN C 39 -31.94 2.91 -10.42
CA ASN C 39 -32.07 1.56 -11.02
C ASN C 39 -31.44 0.56 -10.05
N ASN D 1 -4.57 -32.12 21.69
CA ASN D 1 -3.77 -30.87 21.95
C ASN D 1 -4.28 -29.45 21.45
N ASN D 2 -4.48 -28.60 22.45
CA ASN D 2 -4.56 -27.12 22.42
C ASN D 2 -4.01 -26.25 21.23
N TYR D 3 -3.05 -26.78 20.41
CA TYR D 3 -2.07 -25.92 19.70
C TYR D 3 -2.66 -24.97 18.71
N THR D 4 -3.36 -25.47 17.67
CA THR D 4 -4.03 -24.62 16.69
C THR D 4 -4.86 -23.52 17.36
N SER D 5 -5.81 -23.88 18.25
CA SER D 5 -6.68 -22.84 18.83
C SER D 5 -5.89 -21.97 19.73
N LEU D 6 -4.89 -22.51 20.43
CA LEU D 6 -4.18 -21.56 21.33
C LEU D 6 -3.33 -20.57 20.55
N ILE D 7 -2.70 -21.04 19.47
CA ILE D 7 -2.05 -20.11 18.56
C ILE D 7 -2.99 -19.06 17.87
N HIS D 8 -4.19 -19.48 17.51
CA HIS D 8 -5.14 -18.57 16.94
C HIS D 8 -5.53 -17.54 18.05
N SER D 9 -5.60 -17.95 19.34
CA SER D 9 -5.79 -16.94 20.41
C SER D 9 -4.58 -16.08 20.56
N LEU D 10 -3.40 -16.58 20.21
CA LEU D 10 -2.25 -15.64 20.32
C LEU D 10 -2.30 -14.55 19.26
N ILE D 11 -2.65 -14.99 18.05
CA ILE D 11 -2.88 -14.11 16.92
C ILE D 11 -3.97 -13.02 17.24
N GLU D 12 -5.01 -13.44 17.89
CA GLU D 12 -6.10 -12.52 18.14
C GLU D 12 -5.58 -11.48 19.17
N GLU D 13 -5.04 -11.92 20.31
CA GLU D 13 -4.36 -11.11 21.29
C GLU D 13 -3.25 -10.13 20.76
N SER D 14 -2.47 -10.59 19.78
CA SER D 14 -1.53 -9.73 19.06
C SER D 14 -2.16 -8.54 18.29
N GLN D 15 -3.26 -8.82 17.58
CA GLN D 15 -4.00 -7.86 16.80
C GLN D 15 -4.73 -6.87 17.71
N ASN D 16 -5.35 -7.37 18.80
CA ASN D 16 -5.93 -6.52 19.88
C ASN D 16 -4.96 -5.57 20.68
N GLN D 17 -3.83 -6.06 21.14
CA GLN D 17 -2.87 -5.17 21.72
C GLN D 17 -2.47 -4.11 20.70
N GLN D 18 -2.22 -4.53 19.44
CA GLN D 18 -1.97 -3.64 18.33
C GLN D 18 -2.97 -2.50 18.22
N GLU D 19 -4.23 -2.92 18.05
CA GLU D 19 -5.36 -2.01 17.90
C GLU D 19 -5.45 -1.00 19.05
N LYS D 20 -5.36 -1.49 20.29
CA LYS D 20 -5.33 -0.73 21.50
C LYS D 20 -4.14 0.26 21.59
N ASN D 21 -2.93 -0.11 21.12
CA ASN D 21 -1.86 0.85 21.11
C ASN D 21 -2.12 2.00 20.06
N GLU D 22 -2.62 1.59 18.91
CA GLU D 22 -2.85 2.59 17.89
C GLU D 22 -3.95 3.59 18.30
N GLN D 23 -4.97 3.11 19.00
CA GLN D 23 -6.04 4.01 19.30
C GLN D 23 -5.73 4.91 20.53
N GLU D 24 -4.88 4.44 21.44
CA GLU D 24 -4.34 5.26 22.53
C GLU D 24 -3.37 6.33 21.97
N LEU D 25 -2.70 5.97 20.88
CA LEU D 25 -1.85 6.93 20.16
C LEU D 25 -2.68 8.00 19.54
N LEU D 26 -3.71 7.54 18.84
CA LEU D 26 -4.73 8.38 18.24
C LEU D 26 -5.47 9.24 19.30
N GLU D 27 -5.81 8.66 20.47
CA GLU D 27 -6.45 9.38 21.58
C GLU D 27 -5.50 10.48 22.05
N LEU D 28 -4.21 10.13 22.23
CA LEU D 28 -3.20 11.14 22.53
C LEU D 28 -3.17 12.30 21.50
N ASP D 29 -3.14 11.96 20.21
CA ASP D 29 -3.19 13.02 19.18
C ASP D 29 -4.45 13.95 19.28
N LYS D 30 -5.58 13.38 19.71
CA LYS D 30 -6.78 14.20 19.87
C LYS D 30 -6.68 15.05 21.13
N TRP D 31 -6.18 14.48 22.24
CA TRP D 31 -6.26 15.15 23.54
C TRP D 31 -5.35 16.35 23.56
N ALA D 32 -4.23 16.12 22.88
CA ALA D 32 -3.25 17.14 22.66
C ALA D 32 -3.86 18.38 21.95
N SER D 33 -5.00 18.23 21.30
CA SER D 33 -5.39 19.36 20.56
C SER D 33 -5.99 20.42 21.51
N LEU D 34 -6.53 19.97 22.64
CA LEU D 34 -7.11 20.85 23.61
C LEU D 34 -6.16 21.95 23.97
N TRP D 35 -4.86 21.70 23.85
CA TRP D 35 -3.89 22.70 24.29
C TRP D 35 -3.56 23.68 23.17
N ASN D 36 -3.66 23.23 21.89
CA ASN D 36 -3.72 24.20 20.74
C ASN D 36 -4.96 25.08 20.81
#